data_1NMA
#
_entry.id   1NMA
#
_cell.length_a   171.500
_cell.length_b   171.500
_cell.length_c   160.200
_cell.angle_alpha   90.00
_cell.angle_beta   90.00
_cell.angle_gamma   90.00
#
_symmetry.space_group_name_H-M   'I 4 2 2'
#
loop_
_entity.id
_entity.type
_entity.pdbx_description
1 polymer 'N9 NEURAMINIDASE'
2 polymer 'FAB NC10'
3 polymer 'FAB NC10'
4 branched alpha-D-mannopyranose-(1-2)-alpha-D-mannopyranose-(1-2)-alpha-D-mannopyranose-(1-3)-beta-D-mannopyranose-(1-4)-2-acetamido-2-deoxy-beta-D-glucopyranose-(1-4)-2-acetamido-2-deoxy-beta-D-glucopyranose
5 non-polymer 2-acetamido-2-deoxy-beta-D-glucopyranose
#
loop_
_entity_poly.entity_id
_entity_poly.type
_entity_poly.pdbx_seq_one_letter_code
_entity_poly.pdbx_strand_id
1 'polypeptide(L)'
;REFNNLTKGLCTINSWHIYGKDNAVRIGEDSDVLVTREPYVSCDPDECRFYALSQGTTIRGKHSNGTIHDRSQYRDLISW
PLSSPPTVYNSRVECIGWSSTSCHDGRARMSICISGPNNNASAVIWYNRRPVTEINTWARNILRTQESECVCQNGVCPVV
FTDGSATGPAETRIYYFKEGKILKWEPLTGTAKHIEECSCYGEQAGVTCTCRDNWQGSNRPVIQIDPVAMTHTSQYICSP
VLTDNPRPNDPTVGKCNDPYPGNNNNGVKGFSYLDGGNTWLGRTISIASRSGYEMLKVPNALTDDKSRPTQGQTIVLNTD
WSGYSGSFMDYWAEGECYRACFYVELIRGRPKEDKVWWTSNSIVSMCSSTEFLGQWNWPDGAKIEYFL
;
N
2 'polypeptide(L)'
;DIQMTQTTSSLSASLGDRVTISCRASQDISNYLNWYQQNPDGTVKLLIYYTSNLHSEVPSRFSGSGSGTDYSLTISNLEQ
EDIATYFCQQDFTLPFTFGGGTKLEIRRA
;
L
3 'polypeptide(L)'
;EVQLQQPGAELVKPGASVRMSCKASGYTFTNYNMYWVKQSPGQGLEWIGIFYPGNGDTSYNQKFKDKATLTADKSSNTAY
MQLSSLTSEDSAVYYCARSGGSYRYDGGFDYWGQGTTLTVSS
;
H
#
# COMPACT_ATOMS: atom_id res chain seq x y z
N ARG A 1 -41.27 4.89 0.09
CA ARG A 1 -41.13 4.53 1.49
C ARG A 1 -41.61 3.09 1.30
N GLU A 2 -40.73 2.10 1.17
CA GLU A 2 -41.00 0.66 1.03
C GLU A 2 -39.56 0.20 1.14
N PHE A 3 -39.27 -0.77 1.99
CA PHE A 3 -37.88 -1.20 2.18
C PHE A 3 -37.34 -1.85 0.91
N ASN A 4 -36.33 -1.20 0.33
CA ASN A 4 -35.68 -1.66 -0.88
C ASN A 4 -35.21 -3.13 -0.82
N ASN A 5 -35.28 -3.87 -1.91
CA ASN A 5 -34.82 -5.25 -1.95
C ASN A 5 -33.86 -5.40 -3.15
N LEU A 6 -32.69 -6.10 -3.06
CA LEU A 6 -31.71 -6.31 -4.13
C LEU A 6 -32.23 -7.32 -5.12
N THR A 7 -32.80 -6.69 -6.10
CA THR A 7 -33.45 -7.35 -7.21
C THR A 7 -32.61 -7.36 -8.50
N LYS A 8 -31.36 -6.88 -8.56
CA LYS A 8 -30.68 -6.85 -9.83
C LYS A 8 -29.28 -7.45 -9.91
N GLY A 9 -28.71 -7.47 -11.12
CA GLY A 9 -27.34 -8.00 -11.30
C GLY A 9 -26.34 -6.86 -11.43
N LEU A 10 -25.01 -7.09 -11.60
CA LEU A 10 -23.99 -6.07 -11.87
C LEU A 10 -23.99 -5.87 -13.36
N CYS A 11 -23.71 -4.71 -13.93
CA CYS A 11 -23.67 -4.64 -15.39
C CYS A 11 -22.26 -4.91 -15.89
N THR A 12 -22.09 -5.24 -17.18
CA THR A 12 -20.77 -5.43 -17.76
C THR A 12 -19.98 -4.13 -17.68
N ILE A 13 -18.94 -4.21 -16.89
CA ILE A 13 -18.08 -3.10 -16.61
C ILE A 13 -16.93 -3.19 -17.61
N ASN A 14 -16.88 -2.24 -18.54
CA ASN A 14 -15.85 -2.22 -19.57
C ASN A 14 -14.96 -1.00 -19.48
N SER A 15 -15.52 0.07 -18.92
CA SER A 15 -14.79 1.30 -18.70
C SER A 15 -15.40 1.94 -17.45
N TRP A 16 -14.88 3.12 -17.13
CA TRP A 16 -15.26 3.87 -15.96
C TRP A 16 -15.39 5.30 -16.38
N HIS A 17 -16.54 5.95 -16.19
CA HIS A 17 -16.75 7.36 -16.52
C HIS A 17 -16.63 8.14 -15.21
N ILE A 18 -16.29 9.42 -15.19
CA ILE A 18 -16.23 10.19 -13.93
C ILE A 18 -17.61 10.33 -13.27
N TYR A 19 -17.72 10.47 -11.98
CA TYR A 19 -19.02 10.67 -11.40
C TYR A 19 -18.82 11.96 -10.62
N GLY A 20 -17.96 11.99 -9.61
CA GLY A 20 -17.76 13.19 -8.83
C GLY A 20 -16.28 13.50 -8.60
N LYS A 21 -16.02 14.74 -8.24
CA LYS A 21 -14.71 15.25 -7.88
C LYS A 21 -15.06 16.55 -7.18
N ASP A 22 -14.56 16.78 -5.97
CA ASP A 22 -14.76 18.08 -5.33
C ASP A 22 -13.33 18.62 -5.24
N ASN A 23 -13.03 19.82 -5.67
CA ASN A 23 -11.63 20.26 -5.71
C ASN A 23 -11.24 20.97 -4.41
N ALA A 24 -11.78 20.42 -3.32
CA ALA A 24 -11.71 20.89 -1.93
C ALA A 24 -10.51 21.68 -1.39
N VAL A 25 -9.31 21.19 -1.56
CA VAL A 25 -8.14 21.88 -1.08
C VAL A 25 -7.99 23.18 -1.87
N ARG A 26 -8.08 23.17 -3.22
CA ARG A 26 -7.91 24.37 -4.05
C ARG A 26 -9.01 25.33 -3.71
N ILE A 27 -10.25 24.91 -3.46
CA ILE A 27 -11.26 25.89 -3.03
C ILE A 27 -10.93 26.38 -1.60
N GLY A 28 -10.54 25.44 -0.76
CA GLY A 28 -10.27 25.67 0.66
C GLY A 28 -9.16 26.63 0.94
N GLU A 29 -8.28 26.91 -0.01
CA GLU A 29 -7.22 27.89 0.19
C GLU A 29 -7.84 29.30 0.30
N ASP A 30 -9.10 29.48 -0.13
CA ASP A 30 -9.82 30.72 -0.03
C ASP A 30 -11.33 30.54 0.14
N SER A 31 -11.81 29.64 1.01
CA SER A 31 -13.22 29.45 1.31
C SER A 31 -13.32 28.68 2.62
N ASP A 32 -14.46 28.74 3.30
CA ASP A 32 -14.65 28.14 4.59
C ASP A 32 -15.03 26.71 4.46
N VAL A 33 -14.00 25.97 4.07
CA VAL A 33 -14.01 24.53 3.87
C VAL A 33 -13.54 23.90 5.16
N LEU A 34 -14.06 22.76 5.53
CA LEU A 34 -13.72 22.07 6.76
C LEU A 34 -12.55 21.14 6.52
N VAL A 35 -11.77 20.83 7.56
CA VAL A 35 -10.71 19.82 7.46
C VAL A 35 -11.34 18.46 7.68
N THR A 36 -11.23 17.56 6.71
CA THR A 36 -11.77 16.22 6.81
C THR A 36 -10.62 15.22 6.60
N ARG A 37 -11.10 13.97 6.36
CA ARG A 37 -10.34 12.76 6.06
C ARG A 37 -11.38 11.67 6.08
N GLU A 38 -10.93 10.46 5.66
CA GLU A 38 -11.80 9.30 5.49
C GLU A 38 -13.21 9.64 4.95
N PRO A 39 -13.34 9.70 3.61
CA PRO A 39 -14.59 10.00 2.92
C PRO A 39 -15.27 8.85 2.21
N TYR A 40 -16.56 8.95 1.90
CA TYR A 40 -17.28 7.94 1.15
C TYR A 40 -18.45 8.64 0.52
N VAL A 41 -19.18 8.06 -0.42
CA VAL A 41 -20.37 8.72 -0.94
C VAL A 41 -21.41 7.61 -0.95
N SER A 42 -22.63 8.03 -0.66
CA SER A 42 -23.77 7.16 -0.51
C SER A 42 -25.01 7.91 -1.03
N CYS A 43 -26.05 7.19 -1.43
CA CYS A 43 -27.26 7.74 -2.01
C CYS A 43 -28.50 7.38 -1.20
N ASP A 44 -29.58 8.13 -1.35
CA ASP A 44 -30.90 7.91 -0.74
C ASP A 44 -31.80 7.99 -1.98
N PRO A 45 -33.08 7.55 -2.09
CA PRO A 45 -33.79 7.38 -3.36
C PRO A 45 -34.00 8.59 -4.26
N ASP A 46 -33.44 9.76 -3.95
CA ASP A 46 -33.55 10.99 -4.71
C ASP A 46 -32.32 11.92 -4.54
N GLU A 47 -31.22 11.45 -3.93
CA GLU A 47 -30.06 12.31 -3.75
C GLU A 47 -28.84 11.49 -3.41
N CYS A 48 -27.64 11.85 -3.89
CA CYS A 48 -26.41 11.19 -3.51
C CYS A 48 -25.55 12.31 -2.94
N ARG A 49 -24.75 11.95 -1.94
CA ARG A 49 -23.95 12.93 -1.22
C ARG A 49 -22.58 12.38 -0.93
N PHE A 50 -21.68 13.30 -0.63
CA PHE A 50 -20.32 12.97 -0.22
C PHE A 50 -20.34 12.97 1.31
N TYR A 51 -19.56 12.14 2.01
CA TYR A 51 -19.52 12.04 3.47
C TYR A 51 -18.08 12.03 3.88
N ALA A 52 -17.80 12.45 5.12
CA ALA A 52 -16.45 12.38 5.64
C ALA A 52 -16.39 12.71 7.11
N LEU A 53 -15.36 12.29 7.86
CA LEU A 53 -15.22 12.68 9.26
C LEU A 53 -14.46 13.99 9.25
N SER A 54 -15.06 15.05 9.80
CA SER A 54 -14.37 16.31 9.84
C SER A 54 -13.54 16.33 11.11
N GLN A 55 -12.60 17.29 11.17
CA GLN A 55 -11.67 17.51 12.28
C GLN A 55 -12.02 18.85 12.92
N GLY A 56 -13.27 19.31 12.83
CA GLY A 56 -13.75 20.51 13.50
C GLY A 56 -12.98 21.82 13.38
N THR A 57 -12.57 22.25 12.20
CA THR A 57 -11.86 23.49 11.97
C THR A 57 -11.80 23.61 10.46
N THR A 58 -11.42 24.78 9.94
CA THR A 58 -11.23 25.05 8.53
C THR A 58 -9.77 24.79 8.20
N ILE A 59 -9.38 24.69 6.93
CA ILE A 59 -7.99 24.38 6.62
C ILE A 59 -7.10 25.56 6.96
N ARG A 60 -7.48 26.75 6.51
CA ARG A 60 -6.64 27.92 6.70
C ARG A 60 -6.71 28.46 8.12
N GLY A 61 -7.46 27.77 9.00
CA GLY A 61 -7.64 28.23 10.36
C GLY A 61 -6.54 27.65 11.23
N LYS A 62 -6.16 28.33 12.30
CA LYS A 62 -5.07 27.87 13.16
C LYS A 62 -5.26 26.53 13.88
N HIS A 63 -6.48 26.07 14.15
CA HIS A 63 -6.69 24.77 14.80
C HIS A 63 -6.48 23.56 13.84
N SER A 64 -6.04 23.79 12.59
CA SER A 64 -5.75 22.73 11.65
C SER A 64 -4.42 22.17 12.09
N ASN A 65 -3.56 22.95 12.73
CA ASN A 65 -2.30 22.46 13.25
C ASN A 65 -2.57 21.32 14.20
N GLY A 66 -2.33 20.12 13.71
CA GLY A 66 -2.47 18.94 14.54
C GLY A 66 -3.53 17.99 14.04
N THR A 67 -4.05 18.19 12.82
CA THR A 67 -5.06 17.29 12.30
C THR A 67 -4.54 15.98 11.74
N ILE A 68 -3.25 15.69 11.91
CA ILE A 68 -2.75 14.37 11.57
C ILE A 68 -3.35 13.37 12.58
N HIS A 69 -3.76 13.80 13.77
CA HIS A 69 -4.32 12.89 14.75
C HIS A 69 -5.78 12.60 14.39
N ASP A 70 -6.22 11.34 14.40
CA ASP A 70 -7.53 11.02 13.86
C ASP A 70 -8.63 10.49 14.74
N ARG A 71 -8.64 10.91 15.99
CA ARG A 71 -9.64 10.46 16.95
C ARG A 71 -9.60 11.52 18.06
N SER A 72 -10.65 12.32 18.23
CA SER A 72 -10.71 13.31 19.29
C SER A 72 -12.14 13.76 19.49
N GLN A 73 -12.41 14.59 20.49
CA GLN A 73 -13.75 15.08 20.82
C GLN A 73 -14.48 15.90 19.77
N TYR A 74 -13.69 16.46 18.86
CA TYR A 74 -14.14 17.46 17.89
C TYR A 74 -14.51 16.98 16.51
N ARG A 75 -14.44 15.69 16.24
CA ARG A 75 -14.74 15.13 14.94
C ARG A 75 -16.23 14.88 14.81
N ASP A 76 -16.83 15.10 13.68
CA ASP A 76 -18.27 14.97 13.59
C ASP A 76 -18.47 14.24 12.26
N LEU A 77 -19.42 13.32 12.03
CA LEU A 77 -19.61 12.77 10.67
C LEU A 77 -20.36 13.82 9.84
N ILE A 78 -19.88 14.36 8.71
CA ILE A 78 -20.67 15.31 7.93
C ILE A 78 -21.10 14.84 6.55
N SER A 79 -22.29 15.20 6.02
CA SER A 79 -22.66 14.89 4.64
C SER A 79 -22.70 16.20 3.86
N TRP A 80 -22.47 16.29 2.54
CA TRP A 80 -22.50 17.56 1.85
C TRP A 80 -22.88 17.33 0.41
N PRO A 81 -23.48 18.29 -0.34
CA PRO A 81 -24.03 18.04 -1.68
C PRO A 81 -22.99 17.47 -2.64
N LEU A 82 -23.47 16.66 -3.56
CA LEU A 82 -22.58 16.00 -4.50
C LEU A 82 -21.80 17.02 -5.32
N SER A 83 -20.51 16.78 -5.03
CA SER A 83 -19.33 17.48 -5.52
C SER A 83 -19.12 18.89 -5.01
N SER A 84 -19.74 19.17 -3.86
CA SER A 84 -19.50 20.44 -3.23
C SER A 84 -18.23 20.30 -2.37
N PRO A 85 -17.56 21.36 -1.87
CA PRO A 85 -16.63 21.26 -0.77
C PRO A 85 -17.39 21.06 0.55
N PRO A 86 -16.84 20.35 1.57
CA PRO A 86 -17.38 20.36 2.91
C PRO A 86 -17.25 21.79 3.48
N THR A 87 -18.17 22.71 3.18
CA THR A 87 -18.06 24.07 3.66
C THR A 87 -18.87 24.29 4.93
N VAL A 88 -18.35 25.11 5.85
CA VAL A 88 -18.94 25.36 7.16
C VAL A 88 -20.42 25.78 7.02
N TYR A 89 -20.83 26.37 5.90
CA TYR A 89 -22.21 26.75 5.69
C TYR A 89 -22.59 25.75 4.61
N ASN A 90 -22.92 24.47 4.86
CA ASN A 90 -23.28 23.49 3.82
C ASN A 90 -23.41 22.08 4.36
N SER A 91 -22.30 21.64 4.91
CA SER A 91 -22.18 20.33 5.45
C SER A 91 -23.21 20.14 6.52
N ARG A 92 -23.87 18.99 6.58
CA ARG A 92 -24.84 18.69 7.59
C ARG A 92 -24.09 17.82 8.58
N VAL A 93 -24.05 18.07 9.91
CA VAL A 93 -23.43 17.09 10.80
C VAL A 93 -24.49 16.00 10.98
N GLU A 94 -24.07 14.73 11.02
CA GLU A 94 -24.95 13.58 11.15
C GLU A 94 -25.02 13.03 12.57
N CYS A 95 -23.86 13.07 13.22
CA CYS A 95 -23.64 12.48 14.54
C CYS A 95 -22.24 12.91 14.98
N ILE A 96 -21.90 12.65 16.25
CA ILE A 96 -20.60 12.99 16.79
C ILE A 96 -19.87 11.66 16.97
N GLY A 97 -18.63 11.54 16.46
CA GLY A 97 -17.79 10.33 16.55
C GLY A 97 -16.58 10.30 15.61
N TRP A 98 -15.66 9.32 15.72
CA TRP A 98 -14.48 9.15 14.85
C TRP A 98 -14.39 7.89 13.95
N SER A 99 -15.49 7.19 13.68
CA SER A 99 -15.58 5.98 12.84
C SER A 99 -17.09 5.91 12.52
N SER A 100 -17.52 5.47 11.33
CA SER A 100 -18.93 5.53 10.91
C SER A 100 -19.33 4.59 9.77
N THR A 101 -20.59 4.72 9.34
CA THR A 101 -21.19 4.03 8.23
C THR A 101 -22.61 4.57 8.20
N SER A 102 -23.19 4.70 7.02
CA SER A 102 -24.57 5.12 6.85
C SER A 102 -25.07 4.42 5.60
N CYS A 103 -26.34 4.04 5.62
CA CYS A 103 -27.02 3.51 4.47
C CYS A 103 -28.48 3.84 4.65
N HIS A 104 -29.11 4.17 3.53
CA HIS A 104 -30.53 4.45 3.52
C HIS A 104 -31.16 3.10 3.36
N ASP A 105 -32.17 2.67 4.12
CA ASP A 105 -32.74 1.36 3.86
C ASP A 105 -33.81 1.28 2.80
N GLY A 106 -34.49 2.37 2.49
CA GLY A 106 -35.57 2.35 1.52
C GLY A 106 -36.69 3.24 2.02
N ARG A 107 -36.89 3.15 3.33
CA ARG A 107 -37.82 4.00 4.04
C ARG A 107 -37.12 5.25 4.59
N ALA A 108 -36.15 5.11 5.50
CA ALA A 108 -35.39 6.24 6.02
C ALA A 108 -33.92 5.84 6.12
N ARG A 109 -33.01 6.63 6.67
CA ARG A 109 -31.59 6.29 6.74
C ARG A 109 -31.02 6.00 8.14
N MET A 110 -30.04 5.09 8.22
CA MET A 110 -29.37 4.78 9.46
C MET A 110 -27.91 5.23 9.42
N SER A 111 -27.33 5.80 10.47
CA SER A 111 -25.91 6.17 10.50
C SER A 111 -25.33 5.79 11.85
N ILE A 112 -24.16 5.15 11.96
CA ILE A 112 -23.62 4.71 13.22
C ILE A 112 -22.31 5.45 13.38
N CYS A 113 -22.01 5.96 14.56
CA CYS A 113 -20.74 6.64 14.73
C CYS A 113 -20.27 6.35 16.13
N ILE A 114 -18.99 6.07 16.19
CA ILE A 114 -18.38 5.61 17.41
C ILE A 114 -17.57 6.77 17.93
N SER A 115 -17.64 6.93 19.23
CA SER A 115 -16.90 7.94 19.93
C SER A 115 -16.24 7.18 21.07
N GLY A 116 -15.54 7.87 21.97
CA GLY A 116 -14.96 7.24 23.14
C GLY A 116 -13.44 7.41 23.35
N PRO A 117 -13.04 7.28 24.61
CA PRO A 117 -11.70 6.87 24.94
C PRO A 117 -11.46 5.46 24.39
N ASN A 118 -10.17 5.17 24.28
CA ASN A 118 -9.75 3.94 23.65
C ASN A 118 -10.11 2.69 24.42
N ASN A 119 -10.30 2.81 25.73
CA ASN A 119 -10.73 1.72 26.60
C ASN A 119 -12.19 1.88 27.00
N ASN A 120 -12.97 2.78 26.41
CA ASN A 120 -14.37 2.97 26.82
C ASN A 120 -15.25 3.61 25.74
N ALA A 121 -15.01 3.08 24.51
CA ALA A 121 -15.66 3.47 23.24
C ALA A 121 -17.11 3.01 23.01
N SER A 122 -17.95 3.90 22.46
CA SER A 122 -19.40 3.67 22.36
C SER A 122 -19.98 3.90 20.97
N ALA A 123 -20.89 3.04 20.52
CA ALA A 123 -21.51 3.16 19.23
C ALA A 123 -22.98 3.46 19.44
N VAL A 124 -23.50 4.48 18.75
CA VAL A 124 -24.91 4.81 18.85
C VAL A 124 -25.38 4.90 17.40
N ILE A 125 -26.40 4.07 17.17
CA ILE A 125 -27.08 3.88 15.89
C ILE A 125 -28.22 4.88 15.90
N TRP A 126 -28.11 5.87 15.02
CA TRP A 126 -29.17 6.85 14.87
C TRP A 126 -29.97 6.38 13.68
N TYR A 127 -31.27 6.40 13.78
CA TYR A 127 -32.03 6.06 12.62
C TYR A 127 -32.94 7.24 12.48
N ASN A 128 -32.66 7.87 11.34
CA ASN A 128 -33.51 8.90 10.82
C ASN A 128 -33.63 10.10 11.78
N ARG A 129 -32.57 10.90 11.92
CA ARG A 129 -32.49 12.04 12.82
C ARG A 129 -32.62 11.83 14.34
N ARG A 130 -33.00 10.67 14.90
CA ARG A 130 -32.92 10.46 16.34
C ARG A 130 -32.03 9.28 16.70
N PRO A 131 -31.38 9.12 17.87
CA PRO A 131 -30.64 7.93 18.26
C PRO A 131 -31.62 6.86 18.64
N VAL A 132 -31.31 5.60 18.34
CA VAL A 132 -32.21 4.48 18.62
C VAL A 132 -31.63 3.43 19.57
N THR A 133 -30.37 2.98 19.39
CA THR A 133 -29.76 1.95 20.23
C THR A 133 -28.30 2.24 20.45
N GLU A 134 -27.69 1.73 21.52
CA GLU A 134 -26.27 1.91 21.81
C GLU A 134 -25.63 0.53 22.09
N ILE A 135 -24.34 0.47 21.74
CA ILE A 135 -23.52 -0.70 21.84
C ILE A 135 -22.34 -0.21 22.64
N ASN A 136 -21.87 -1.02 23.57
CA ASN A 136 -20.67 -0.66 24.31
C ASN A 136 -19.64 -1.74 24.03
N THR A 137 -18.39 -1.26 24.02
CA THR A 137 -17.17 -2.01 23.82
C THR A 137 -17.10 -3.39 24.48
N TRP A 138 -17.24 -4.45 23.68
CA TRP A 138 -17.09 -5.79 24.18
C TRP A 138 -15.65 -6.23 24.44
N ALA A 139 -14.70 -5.64 23.71
CA ALA A 139 -13.28 -5.93 23.87
C ALA A 139 -12.37 -4.75 24.21
N ARG A 140 -12.81 -3.66 24.84
CA ARG A 140 -12.00 -2.49 25.21
C ARG A 140 -10.64 -2.13 24.63
N ASN A 141 -10.60 -2.11 23.29
CA ASN A 141 -9.43 -1.67 22.56
C ASN A 141 -9.87 -1.31 21.17
N ILE A 142 -10.19 -0.01 21.15
CA ILE A 142 -10.72 0.78 20.03
C ILE A 142 -11.75 0.08 19.12
N LEU A 143 -13.02 0.35 19.45
CA LEU A 143 -14.15 -0.19 18.72
C LEU A 143 -14.23 0.64 17.46
N ARG A 144 -14.23 -0.01 16.32
CA ARG A 144 -14.27 0.66 15.04
C ARG A 144 -15.29 -0.02 14.14
N THR A 145 -15.84 0.63 13.09
CA THR A 145 -16.69 -0.01 12.08
C THR A 145 -16.13 0.33 10.70
N GLN A 146 -16.86 0.31 9.57
CA GLN A 146 -16.20 0.40 8.27
C GLN A 146 -15.78 1.66 7.53
N GLU A 147 -16.45 2.82 7.56
CA GLU A 147 -16.13 4.06 6.80
C GLU A 147 -16.47 4.08 5.29
N SER A 148 -17.55 3.37 4.99
CA SER A 148 -18.20 3.26 3.70
C SER A 148 -19.65 3.00 4.09
N GLU A 149 -20.52 2.98 3.08
CA GLU A 149 -21.92 2.75 3.28
C GLU A 149 -22.15 1.31 3.57
N CYS A 150 -23.21 1.07 4.33
CA CYS A 150 -23.65 -0.29 4.58
C CYS A 150 -24.63 -0.63 3.47
N VAL A 151 -25.23 -1.83 3.41
CA VAL A 151 -26.16 -2.15 2.34
C VAL A 151 -27.35 -2.75 3.06
N CYS A 152 -28.55 -2.52 2.53
CA CYS A 152 -29.80 -2.95 3.15
C CYS A 152 -30.75 -3.74 2.26
N GLN A 153 -31.16 -4.92 2.70
CA GLN A 153 -32.12 -5.72 1.97
C GLN A 153 -33.30 -5.77 2.90
N ASN A 154 -34.48 -5.42 2.42
CA ASN A 154 -35.74 -5.57 3.16
C ASN A 154 -35.86 -5.08 4.61
N GLY A 155 -35.25 -3.95 4.97
CA GLY A 155 -35.28 -3.50 6.35
C GLY A 155 -34.04 -3.91 7.12
N VAL A 156 -33.38 -5.00 6.70
CA VAL A 156 -32.17 -5.50 7.35
C VAL A 156 -30.94 -4.95 6.68
N CYS A 157 -30.08 -4.33 7.47
CA CYS A 157 -28.85 -3.77 6.96
C CYS A 157 -27.64 -4.43 7.60
N PRO A 158 -26.85 -5.31 6.99
CA PRO A 158 -25.68 -5.88 7.63
C PRO A 158 -24.59 -4.82 7.82
N VAL A 159 -23.88 -4.79 8.95
CA VAL A 159 -22.71 -3.93 9.14
C VAL A 159 -21.74 -4.64 10.09
N VAL A 160 -20.46 -4.32 9.95
CA VAL A 160 -19.34 -5.02 10.58
C VAL A 160 -18.43 -4.16 11.46
N PHE A 161 -18.14 -4.62 12.70
CA PHE A 161 -17.31 -3.91 13.67
C PHE A 161 -16.15 -4.76 14.09
N THR A 162 -15.08 -4.16 14.58
CA THR A 162 -13.97 -4.95 15.08
C THR A 162 -13.44 -4.22 16.32
N ASP A 163 -13.26 -4.91 17.43
CA ASP A 163 -12.77 -4.29 18.64
C ASP A 163 -11.70 -5.25 19.10
N GLY A 164 -10.49 -4.76 19.21
CA GLY A 164 -9.40 -5.62 19.61
C GLY A 164 -8.04 -5.10 19.17
N SER A 165 -7.16 -6.01 18.79
CA SER A 165 -5.84 -5.60 18.41
C SER A 165 -5.78 -5.57 16.90
N ALA A 166 -4.87 -4.70 16.43
CA ALA A 166 -4.60 -4.51 15.01
C ALA A 166 -3.45 -5.41 14.55
N THR A 167 -2.56 -5.56 15.51
CA THR A 167 -1.33 -6.30 15.36
C THR A 167 -1.68 -7.70 15.82
N GLY A 168 -2.68 -8.39 15.33
CA GLY A 168 -2.95 -9.71 15.87
C GLY A 168 -4.29 -9.66 16.59
N PRO A 169 -4.86 -10.80 17.02
CA PRO A 169 -6.31 -11.01 17.02
C PRO A 169 -7.19 -10.03 17.77
N ALA A 170 -8.37 -9.92 17.21
CA ALA A 170 -9.37 -8.97 17.62
C ALA A 170 -10.71 -9.68 17.58
N GLU A 171 -11.81 -9.15 18.11
CA GLU A 171 -13.09 -9.80 17.96
C GLU A 171 -13.95 -8.98 17.04
N THR A 172 -14.15 -9.45 15.83
CA THR A 172 -15.00 -8.71 14.90
C THR A 172 -16.36 -9.41 14.92
N ARG A 173 -17.41 -8.64 14.71
CA ARG A 173 -18.76 -9.14 14.80
C ARG A 173 -19.56 -8.57 13.64
N ILE A 174 -20.47 -9.38 13.13
CA ILE A 174 -21.40 -8.94 12.11
C ILE A 174 -22.63 -8.55 12.96
N TYR A 175 -23.30 -7.45 12.65
CA TYR A 175 -24.50 -6.96 13.34
C TYR A 175 -25.57 -6.72 12.29
N TYR A 176 -26.82 -7.04 12.61
CA TYR A 176 -27.94 -6.84 11.69
C TYR A 176 -28.88 -5.90 12.38
N PHE A 177 -29.26 -4.82 11.74
CA PHE A 177 -30.11 -3.86 12.37
C PHE A 177 -31.32 -3.72 11.50
N LYS A 178 -32.52 -3.53 12.04
CA LYS A 178 -33.69 -3.24 11.24
C LYS A 178 -34.28 -2.06 11.98
N GLU A 179 -34.43 -0.94 11.24
CA GLU A 179 -34.93 0.35 11.71
C GLU A 179 -34.27 0.92 12.98
N GLY A 180 -32.97 0.66 13.07
CA GLY A 180 -32.17 1.10 14.20
C GLY A 180 -31.99 -0.05 15.20
N LYS A 181 -33.05 -0.79 15.56
CA LYS A 181 -33.00 -1.90 16.52
C LYS A 181 -32.16 -3.04 16.03
N ILE A 182 -31.57 -3.73 17.01
CA ILE A 182 -30.70 -4.88 16.73
C ILE A 182 -31.59 -6.11 16.61
N LEU A 183 -31.20 -6.93 15.66
CA LEU A 183 -31.90 -8.17 15.42
C LEU A 183 -31.11 -9.42 15.80
N LYS A 184 -29.77 -9.30 15.98
CA LYS A 184 -28.82 -10.41 16.18
C LYS A 184 -27.41 -9.87 15.96
N TRP A 185 -26.40 -10.69 16.24
CA TRP A 185 -25.01 -10.45 15.82
C TRP A 185 -24.30 -11.79 15.76
N GLU A 186 -23.09 -11.91 15.18
CA GLU A 186 -22.39 -13.18 15.07
C GLU A 186 -20.94 -12.83 15.22
N PRO A 187 -20.09 -13.69 15.78
CA PRO A 187 -18.65 -13.64 15.56
C PRO A 187 -18.27 -13.84 14.09
N LEU A 188 -17.05 -13.46 13.74
CA LEU A 188 -16.59 -13.77 12.40
C LEU A 188 -16.47 -15.30 12.33
N THR A 189 -16.76 -15.83 11.15
CA THR A 189 -16.74 -17.23 10.83
C THR A 189 -15.96 -17.34 9.52
N GLY A 190 -14.87 -18.08 9.47
CA GLY A 190 -14.24 -18.33 8.18
C GLY A 190 -12.74 -18.37 8.29
N THR A 191 -12.10 -18.46 7.14
CA THR A 191 -10.66 -18.56 7.16
C THR A 191 -10.00 -17.21 7.27
N ALA A 192 -10.76 -16.10 7.14
CA ALA A 192 -10.16 -14.77 7.21
C ALA A 192 -9.65 -14.48 8.62
N LYS A 193 -8.33 -14.59 8.69
CA LYS A 193 -7.49 -14.38 9.87
C LYS A 193 -7.73 -13.08 10.69
N HIS A 194 -8.07 -11.97 10.04
CA HIS A 194 -8.26 -10.69 10.68
C HIS A 194 -8.98 -9.88 9.62
N ILE A 195 -9.98 -9.09 9.99
CA ILE A 195 -10.68 -8.21 9.06
C ILE A 195 -10.89 -6.91 9.82
N GLU A 196 -10.81 -5.80 9.10
CA GLU A 196 -11.17 -4.49 9.60
C GLU A 196 -11.27 -3.50 8.42
N GLU A 197 -12.15 -2.47 8.53
CA GLU A 197 -12.57 -1.51 7.50
C GLU A 197 -13.11 -2.30 6.31
N CYS A 198 -14.43 -2.48 6.13
CA CYS A 198 -14.95 -3.28 5.02
C CYS A 198 -15.76 -2.57 3.94
N SER A 199 -15.31 -2.68 2.70
CA SER A 199 -16.07 -2.14 1.60
C SER A 199 -17.12 -3.17 1.16
N CYS A 200 -18.41 -2.87 1.32
CA CYS A 200 -19.46 -3.81 1.04
C CYS A 200 -20.31 -3.32 -0.09
N TYR A 201 -20.94 -4.18 -0.91
CA TYR A 201 -21.88 -3.78 -1.95
C TYR A 201 -22.91 -4.91 -1.97
N GLY A 202 -24.16 -4.60 -2.30
CA GLY A 202 -25.21 -5.59 -2.34
C GLY A 202 -25.49 -5.82 -3.81
N GLU A 203 -25.80 -7.07 -4.22
CA GLU A 203 -26.03 -7.27 -5.64
C GLU A 203 -27.20 -8.17 -5.92
N GLN A 204 -27.26 -9.49 -5.70
CA GLN A 204 -28.43 -10.23 -6.15
C GLN A 204 -28.78 -10.95 -4.87
N ALA A 205 -29.54 -10.13 -4.15
CA ALA A 205 -30.06 -10.43 -2.82
C ALA A 205 -29.09 -10.76 -1.70
N GLY A 206 -27.79 -10.67 -1.94
CA GLY A 206 -26.81 -10.87 -0.89
C GLY A 206 -25.85 -9.70 -0.99
N VAL A 207 -24.94 -9.53 -0.01
CA VAL A 207 -23.96 -8.46 0.06
C VAL A 207 -22.62 -9.16 0.27
N THR A 208 -21.56 -8.54 -0.23
CA THR A 208 -20.21 -9.09 -0.28
C THR A 208 -19.34 -7.92 0.12
N CYS A 209 -18.22 -8.20 0.79
CA CYS A 209 -17.31 -7.17 1.24
C CYS A 209 -15.87 -7.66 1.20
N THR A 210 -15.01 -6.70 0.88
CA THR A 210 -13.57 -6.84 0.95
C THR A 210 -13.24 -6.04 2.21
N CYS A 211 -12.33 -6.51 3.08
CA CYS A 211 -11.92 -5.71 4.23
C CYS A 211 -10.40 -5.55 4.27
N ARG A 212 -9.80 -5.34 5.43
CA ARG A 212 -8.36 -5.27 5.54
C ARG A 212 -7.87 -6.20 6.67
N ASP A 213 -6.88 -7.03 6.33
CA ASP A 213 -6.19 -7.85 7.30
C ASP A 213 -4.95 -6.99 7.53
N ASN A 214 -4.99 -6.33 8.67
CA ASN A 214 -3.89 -5.49 9.03
C ASN A 214 -2.73 -6.35 9.54
N TRP A 215 -3.04 -7.45 10.22
CA TRP A 215 -2.01 -8.32 10.77
C TRP A 215 -1.10 -8.95 9.69
N GLN A 216 -1.56 -9.99 9.02
CA GLN A 216 -0.70 -10.71 8.08
C GLN A 216 -0.82 -10.47 6.56
N GLY A 217 -2.05 -10.22 6.12
CA GLY A 217 -2.41 -10.35 4.71
C GLY A 217 -2.04 -9.22 3.79
N SER A 218 -1.66 -9.63 2.61
CA SER A 218 -1.34 -8.72 1.54
C SER A 218 -2.37 -8.92 0.44
N ASN A 219 -3.11 -10.02 0.56
CA ASN A 219 -4.25 -10.35 -0.29
C ASN A 219 -5.41 -9.89 0.57
N ARG A 220 -6.62 -9.67 0.06
CA ARG A 220 -7.69 -9.15 0.89
C ARG A 220 -8.63 -10.23 1.41
N PRO A 221 -8.99 -10.18 2.71
CA PRO A 221 -10.06 -10.97 3.30
C PRO A 221 -11.37 -10.53 2.69
N VAL A 222 -12.29 -11.48 2.60
CA VAL A 222 -13.58 -11.31 1.93
C VAL A 222 -14.61 -11.83 2.89
N ILE A 223 -15.75 -11.16 3.00
CA ILE A 223 -16.88 -11.66 3.75
C ILE A 223 -18.09 -11.55 2.81
N GLN A 224 -18.76 -12.67 2.60
CA GLN A 224 -19.93 -12.72 1.78
C GLN A 224 -21.02 -12.94 2.82
N ILE A 225 -22.01 -12.02 2.92
CA ILE A 225 -23.10 -11.97 3.89
C ILE A 225 -24.43 -12.27 3.21
N ASP A 226 -25.26 -13.14 3.76
CA ASP A 226 -26.59 -13.43 3.24
C ASP A 226 -27.50 -12.65 4.19
N PRO A 227 -28.23 -11.60 3.82
CA PRO A 227 -29.02 -10.81 4.74
C PRO A 227 -30.25 -11.54 5.22
N VAL A 228 -30.93 -12.30 4.36
CA VAL A 228 -32.20 -12.95 4.71
C VAL A 228 -32.11 -14.06 5.75
N ALA A 229 -31.23 -15.04 5.57
CA ALA A 229 -30.96 -16.02 6.61
C ALA A 229 -29.94 -15.53 7.64
N MET A 230 -29.44 -14.29 7.52
CA MET A 230 -28.50 -13.64 8.42
C MET A 230 -27.25 -14.48 8.72
N THR A 231 -26.57 -14.96 7.67
CA THR A 231 -25.37 -15.80 7.79
C THR A 231 -24.19 -15.21 7.04
N HIS A 232 -22.93 -15.61 7.19
CA HIS A 232 -21.84 -14.98 6.47
C HIS A 232 -20.73 -16.01 6.29
N THR A 233 -19.67 -15.69 5.54
CA THR A 233 -18.51 -16.56 5.31
C THR A 233 -17.26 -15.79 4.92
N SER A 234 -16.10 -16.08 5.47
CA SER A 234 -14.93 -15.40 5.01
C SER A 234 -13.90 -16.27 4.29
N GLN A 235 -12.94 -15.62 3.58
CA GLN A 235 -11.85 -16.23 2.83
C GLN A 235 -10.94 -15.12 2.33
N TYR A 236 -9.99 -15.41 1.43
CA TYR A 236 -9.12 -14.41 0.84
C TYR A 236 -9.40 -14.37 -0.65
N ILE A 237 -8.97 -13.31 -1.36
CA ILE A 237 -9.02 -13.27 -2.82
C ILE A 237 -7.87 -14.18 -3.26
N CYS A 238 -8.12 -15.07 -4.22
CA CYS A 238 -7.15 -16.09 -4.65
C CYS A 238 -5.96 -15.65 -5.49
N SER A 239 -6.06 -14.48 -6.09
CA SER A 239 -5.01 -13.90 -6.89
C SER A 239 -3.53 -13.80 -6.44
N PRO A 240 -2.67 -13.70 -7.47
CA PRO A 240 -1.38 -13.03 -7.46
C PRO A 240 -1.38 -11.52 -7.61
N VAL A 241 -2.46 -10.86 -8.00
CA VAL A 241 -2.41 -9.41 -8.09
C VAL A 241 -2.69 -8.96 -6.65
N LEU A 242 -1.62 -8.59 -5.95
CA LEU A 242 -1.79 -8.24 -4.56
C LEU A 242 -2.19 -6.79 -4.53
N THR A 243 -3.10 -6.46 -3.64
CA THR A 243 -3.73 -5.15 -3.69
C THR A 243 -3.60 -4.31 -2.43
N ASP A 244 -3.07 -4.88 -1.36
CA ASP A 244 -2.95 -4.08 -0.16
C ASP A 244 -1.71 -3.26 -0.38
N ASN A 245 -1.59 -2.20 0.38
CA ASN A 245 -0.45 -1.33 0.30
C ASN A 245 0.00 -1.19 1.73
N PRO A 246 1.25 -1.32 2.12
CA PRO A 246 2.28 -2.02 1.39
C PRO A 246 2.09 -3.49 1.10
N ARG A 247 2.63 -3.93 -0.02
CA ARG A 247 2.55 -5.34 -0.33
C ARG A 247 3.98 -5.80 -0.59
N PRO A 248 4.26 -7.11 -0.72
CA PRO A 248 5.30 -7.61 -1.62
C PRO A 248 4.97 -7.49 -3.09
N ASN A 249 5.97 -7.74 -3.89
CA ASN A 249 5.87 -7.67 -5.34
C ASN A 249 4.91 -8.74 -5.85
N ASP A 250 4.32 -8.63 -7.05
CA ASP A 250 3.41 -9.64 -7.58
C ASP A 250 3.87 -11.09 -7.79
N PRO A 251 3.41 -12.08 -6.99
CA PRO A 251 3.73 -13.50 -7.17
C PRO A 251 3.23 -14.25 -8.40
N THR A 252 3.80 -15.41 -8.75
CA THR A 252 3.35 -16.19 -9.91
C THR A 252 2.04 -16.90 -9.55
N VAL A 253 2.00 -17.44 -8.33
CA VAL A 253 0.88 -18.23 -7.81
C VAL A 253 0.37 -17.41 -6.59
N GLY A 254 -0.88 -17.64 -6.12
CA GLY A 254 -1.41 -16.95 -4.94
C GLY A 254 -1.96 -17.87 -3.85
N LYS A 255 -2.43 -17.35 -2.73
CA LYS A 255 -2.96 -18.17 -1.66
C LYS A 255 -4.47 -17.90 -1.47
N CYS A 256 -5.32 -18.89 -1.77
CA CYS A 256 -6.75 -18.69 -1.54
C CYS A 256 -7.25 -18.60 -0.10
N ASN A 257 -6.72 -19.45 0.79
CA ASN A 257 -7.32 -19.53 2.13
C ASN A 257 -6.58 -19.09 3.35
N ASP A 258 -5.40 -18.57 3.08
CA ASP A 258 -4.61 -18.04 4.13
C ASP A 258 -4.04 -16.73 3.61
N PRO A 259 -3.65 -15.80 4.49
CA PRO A 259 -3.05 -14.52 4.13
C PRO A 259 -1.68 -14.62 3.45
N TYR A 260 -1.39 -13.69 2.54
CA TYR A 260 -0.17 -13.78 1.74
C TYR A 260 0.94 -13.07 2.48
N PRO A 261 2.11 -13.72 2.66
CA PRO A 261 3.22 -13.22 3.49
C PRO A 261 4.18 -12.18 2.92
N GLY A 262 5.01 -11.61 3.81
CA GLY A 262 6.06 -10.69 3.41
C GLY A 262 5.92 -9.40 4.20
N ASN A 263 5.14 -8.48 3.66
CA ASN A 263 4.85 -7.21 4.32
C ASN A 263 3.78 -7.49 5.41
N ASN A 264 3.87 -7.10 6.70
CA ASN A 264 2.82 -7.43 7.68
C ASN A 264 2.66 -6.26 8.67
N ASN A 265 1.58 -6.10 9.46
CA ASN A 265 1.34 -5.02 10.44
C ASN A 265 0.70 -3.72 9.91
N ASN A 266 0.07 -3.63 8.75
CA ASN A 266 -0.16 -2.34 8.11
C ASN A 266 -1.19 -2.48 6.98
N GLY A 267 -1.76 -1.51 6.26
CA GLY A 267 -2.72 -1.80 5.17
C GLY A 267 -3.59 -0.62 4.78
N VAL A 268 -4.44 -0.67 3.76
CA VAL A 268 -5.26 0.47 3.37
C VAL A 268 -6.66 -0.11 3.18
N LYS A 269 -7.72 0.69 3.26
CA LYS A 269 -9.07 0.22 2.99
C LYS A 269 -9.23 0.19 1.49
N GLY A 270 -9.97 -0.72 0.91
CA GLY A 270 -10.04 -0.84 -0.54
C GLY A 270 -11.33 -1.53 -0.95
N PHE A 271 -11.67 -1.71 -2.24
CA PHE A 271 -12.94 -2.32 -2.63
C PHE A 271 -12.67 -3.36 -3.72
N SER A 272 -13.70 -4.03 -4.21
CA SER A 272 -13.59 -4.83 -5.41
C SER A 272 -15.00 -5.11 -5.87
N TYR A 273 -15.17 -5.48 -7.14
CA TYR A 273 -16.44 -5.97 -7.63
C TYR A 273 -15.99 -7.30 -8.23
N LEU A 274 -16.29 -8.32 -7.47
CA LEU A 274 -15.99 -9.68 -7.80
C LEU A 274 -17.23 -10.31 -8.45
N ASP A 275 -17.53 -10.16 -9.74
CA ASP A 275 -18.72 -10.78 -10.28
C ASP A 275 -18.31 -11.75 -11.34
N GLY A 276 -17.60 -12.76 -10.88
CA GLY A 276 -17.15 -13.85 -11.74
C GLY A 276 -16.14 -13.30 -12.71
N GLY A 277 -16.44 -13.49 -14.01
CA GLY A 277 -15.64 -12.98 -15.13
C GLY A 277 -15.64 -11.45 -15.13
N ASN A 278 -16.76 -10.85 -14.74
CA ASN A 278 -16.91 -9.40 -14.61
C ASN A 278 -16.30 -8.90 -13.30
N THR A 279 -14.99 -9.11 -13.12
CA THR A 279 -14.28 -8.70 -11.93
C THR A 279 -13.08 -7.77 -12.18
N TRP A 280 -13.27 -6.67 -11.48
CA TRP A 280 -12.35 -5.58 -11.50
C TRP A 280 -11.90 -5.40 -10.07
N LEU A 281 -10.60 -5.23 -9.89
CA LEU A 281 -9.98 -5.04 -8.58
C LEU A 281 -9.37 -3.65 -8.64
N GLY A 282 -9.10 -2.93 -7.54
CA GLY A 282 -8.39 -1.66 -7.59
C GLY A 282 -7.15 -1.74 -6.68
N ARG A 283 -6.05 -0.99 -6.85
CA ARG A 283 -4.96 -0.98 -5.87
C ARG A 283 -4.19 0.32 -5.96
N THR A 284 -3.20 0.58 -5.10
CA THR A 284 -2.29 1.72 -5.26
C THR A 284 -1.26 1.35 -6.31
N ILE A 285 -0.65 2.20 -7.13
CA ILE A 285 0.34 1.66 -8.05
C ILE A 285 1.71 1.64 -7.37
N SER A 286 1.85 2.17 -6.14
CA SER A 286 3.10 2.06 -5.41
C SER A 286 3.15 1.11 -4.25
N ILE A 287 4.03 0.13 -4.35
CA ILE A 287 4.25 -0.96 -3.41
C ILE A 287 4.34 -0.50 -1.96
N ALA A 288 4.91 0.68 -1.70
CA ALA A 288 5.22 1.15 -0.36
C ALA A 288 4.47 2.35 0.22
N SER A 289 3.74 3.11 -0.59
CA SER A 289 3.14 4.32 -0.10
C SER A 289 1.91 4.57 -0.93
N ARG A 290 0.93 5.25 -0.32
CA ARG A 290 -0.33 5.57 -1.00
C ARG A 290 -0.10 6.64 -2.04
N SER A 291 0.39 6.24 -3.23
CA SER A 291 0.64 7.09 -4.38
C SER A 291 0.10 6.33 -5.57
N GLY A 292 -0.71 7.01 -6.37
CA GLY A 292 -1.32 6.46 -7.55
C GLY A 292 -2.58 5.69 -7.24
N TYR A 293 -3.27 5.25 -8.30
CA TYR A 293 -4.45 4.41 -8.20
C TYR A 293 -4.71 3.74 -9.53
N GLU A 294 -5.16 2.49 -9.60
CA GLU A 294 -5.56 1.87 -10.87
C GLU A 294 -6.61 0.80 -10.61
N MET A 295 -7.37 0.56 -11.69
CA MET A 295 -8.42 -0.44 -11.75
C MET A 295 -7.95 -1.51 -12.71
N LEU A 296 -8.10 -2.79 -12.43
CA LEU A 296 -7.61 -3.83 -13.31
C LEU A 296 -8.63 -4.95 -13.44
N LYS A 297 -8.73 -5.48 -14.67
CA LYS A 297 -9.65 -6.56 -15.00
C LYS A 297 -8.89 -7.83 -14.72
N VAL A 298 -9.33 -8.64 -13.76
CA VAL A 298 -8.61 -9.87 -13.38
C VAL A 298 -9.64 -10.99 -13.32
N PRO A 299 -10.24 -11.43 -14.43
CA PRO A 299 -11.33 -12.41 -14.48
C PRO A 299 -11.18 -13.70 -13.64
N ASN A 300 -12.17 -13.81 -12.75
CA ASN A 300 -12.35 -14.85 -11.76
C ASN A 300 -11.42 -14.83 -10.56
N ALA A 301 -10.68 -13.73 -10.30
CA ALA A 301 -9.73 -13.65 -9.19
C ALA A 301 -10.17 -14.18 -7.81
N LEU A 302 -11.45 -14.27 -7.47
CA LEU A 302 -11.85 -14.77 -6.17
C LEU A 302 -11.60 -16.26 -6.03
N THR A 303 -11.64 -16.97 -7.15
CA THR A 303 -11.49 -18.42 -7.19
C THR A 303 -10.19 -18.80 -7.90
N ASP A 304 -9.82 -18.10 -8.97
CA ASP A 304 -8.64 -18.48 -9.71
C ASP A 304 -7.38 -17.95 -9.01
N ASP A 305 -6.52 -18.94 -8.69
CA ASP A 305 -5.21 -18.90 -8.00
C ASP A 305 -4.07 -18.18 -8.72
N LYS A 306 -4.05 -18.23 -10.05
CA LYS A 306 -3.00 -17.59 -10.79
C LYS A 306 -3.61 -16.66 -11.83
N SER A 307 -4.39 -15.74 -11.25
CA SER A 307 -5.10 -14.67 -11.95
C SER A 307 -4.36 -13.34 -12.10
N ARG A 308 -4.19 -13.01 -13.38
CA ARG A 308 -3.41 -11.86 -13.80
C ARG A 308 -4.27 -10.99 -14.73
N PRO A 309 -4.08 -9.66 -14.82
CA PRO A 309 -4.99 -8.78 -15.52
C PRO A 309 -5.16 -8.78 -17.04
N THR A 310 -6.38 -8.92 -17.53
CA THR A 310 -6.69 -8.91 -18.97
C THR A 310 -7.00 -7.53 -19.56
N GLN A 311 -7.26 -6.48 -18.76
CA GLN A 311 -7.60 -5.14 -19.23
C GLN A 311 -7.23 -4.18 -18.10
N GLY A 312 -7.01 -2.88 -18.25
CA GLY A 312 -6.78 -2.00 -17.11
C GLY A 312 -7.29 -0.60 -17.38
N GLN A 313 -7.19 0.29 -16.39
CA GLN A 313 -7.52 1.70 -16.53
C GLN A 313 -6.97 2.36 -15.29
N THR A 314 -6.13 3.35 -15.53
CA THR A 314 -5.45 4.13 -14.50
C THR A 314 -6.27 5.37 -14.12
N ILE A 315 -6.40 5.59 -12.81
CA ILE A 315 -7.14 6.72 -12.25
C ILE A 315 -6.22 7.85 -11.71
N VAL A 316 -5.19 7.54 -10.91
CA VAL A 316 -4.31 8.57 -10.34
C VAL A 316 -2.90 8.11 -10.69
N LEU A 317 -2.04 9.06 -11.02
CA LEU A 317 -0.68 8.76 -11.41
C LEU A 317 0.24 8.39 -10.22
N ASN A 318 1.40 7.67 -10.28
CA ASN A 318 2.25 7.39 -9.09
C ASN A 318 2.89 8.60 -8.50
N THR A 319 2.83 9.66 -9.24
CA THR A 319 3.36 10.90 -8.83
C THR A 319 2.33 11.58 -7.90
N ASP A 320 1.04 11.21 -7.91
CA ASP A 320 0.02 11.87 -7.13
C ASP A 320 -0.49 10.96 -6.01
N TRP A 321 -0.52 11.51 -4.77
CA TRP A 321 -0.91 10.80 -3.54
C TRP A 321 -2.38 10.43 -3.60
N SER A 322 -2.76 9.26 -3.08
CA SER A 322 -4.13 8.80 -3.13
C SER A 322 -4.47 8.58 -1.67
N GLY A 323 -5.03 7.47 -1.20
CA GLY A 323 -5.41 7.29 0.18
C GLY A 323 -6.50 6.25 0.16
N TYR A 324 -7.46 6.20 1.08
CA TYR A 324 -8.47 5.15 1.10
C TYR A 324 -9.41 4.95 -0.08
N SER A 325 -9.76 3.74 -0.48
CA SER A 325 -10.78 3.55 -1.49
C SER A 325 -11.96 2.71 -1.00
N GLY A 326 -13.09 2.64 -1.71
CA GLY A 326 -14.23 1.86 -1.25
C GLY A 326 -15.37 1.93 -2.24
N SER A 327 -16.37 1.11 -2.06
CA SER A 327 -17.46 1.03 -3.01
C SER A 327 -18.85 1.54 -2.61
N PHE A 328 -19.65 2.04 -3.56
CA PHE A 328 -21.03 2.42 -3.33
C PHE A 328 -21.78 2.16 -4.62
N MET A 329 -23.12 2.17 -4.65
CA MET A 329 -23.87 1.92 -5.87
C MET A 329 -25.21 2.65 -5.75
N ASP A 330 -25.83 3.24 -6.77
CA ASP A 330 -27.13 3.90 -6.59
C ASP A 330 -28.22 2.85 -6.79
N TYR A 331 -28.73 2.19 -5.77
CA TYR A 331 -29.72 1.15 -5.93
C TYR A 331 -31.09 1.62 -6.42
N TRP A 332 -31.24 2.93 -6.50
CA TRP A 332 -32.50 3.53 -6.93
C TRP A 332 -32.55 4.06 -8.37
N ALA A 333 -31.44 3.92 -9.13
CA ALA A 333 -31.39 4.35 -10.50
C ALA A 333 -32.21 3.39 -11.38
N GLU A 334 -32.90 3.82 -12.43
CA GLU A 334 -33.77 2.93 -13.22
C GLU A 334 -33.05 1.89 -14.07
N GLY A 335 -33.34 0.57 -14.00
CA GLY A 335 -32.48 -0.32 -14.75
C GLY A 335 -32.85 -1.78 -14.60
N GLU A 336 -31.95 -2.61 -15.18
CA GLU A 336 -31.98 -4.06 -15.07
C GLU A 336 -30.80 -4.55 -14.20
N CYS A 337 -29.65 -3.88 -14.15
CA CYS A 337 -28.46 -4.33 -13.44
C CYS A 337 -27.88 -3.09 -12.77
N TYR A 338 -27.20 -3.15 -11.62
CA TYR A 338 -26.60 -2.01 -10.98
C TYR A 338 -25.27 -1.65 -11.63
N ARG A 339 -25.03 -0.37 -11.48
CA ARG A 339 -23.84 0.28 -11.97
C ARG A 339 -22.89 0.51 -10.81
N ALA A 340 -21.77 -0.19 -10.93
CA ALA A 340 -20.68 -0.17 -9.98
C ALA A 340 -19.99 1.17 -9.91
N CYS A 341 -20.07 1.87 -8.78
CA CYS A 341 -19.35 3.13 -8.61
C CYS A 341 -18.23 3.00 -7.57
N PHE A 342 -17.23 3.87 -7.48
CA PHE A 342 -16.29 3.77 -6.38
C PHE A 342 -15.68 5.10 -6.04
N TYR A 343 -14.98 5.24 -4.92
CA TYR A 343 -14.26 6.48 -4.65
C TYR A 343 -12.78 6.24 -4.25
N VAL A 344 -11.97 7.30 -4.39
CA VAL A 344 -10.61 7.30 -3.93
C VAL A 344 -10.44 8.59 -3.15
N GLU A 345 -9.98 8.49 -1.91
CA GLU A 345 -9.66 9.62 -1.07
C GLU A 345 -8.35 10.10 -1.63
N LEU A 346 -8.16 11.37 -1.98
CA LEU A 346 -6.87 11.83 -2.47
C LEU A 346 -6.26 12.58 -1.29
N ILE A 347 -5.45 11.97 -0.42
CA ILE A 347 -4.95 12.60 0.79
C ILE A 347 -3.94 13.71 0.50
N ARG A 348 -3.72 14.72 1.33
CA ARG A 348 -2.84 15.82 1.01
C ARG A 348 -2.39 16.48 2.31
N GLY A 349 -1.10 16.38 2.63
CA GLY A 349 -0.56 16.96 3.84
C GLY A 349 0.37 15.96 4.56
N ARG A 350 0.28 15.97 5.88
CA ARG A 350 1.10 15.08 6.66
C ARG A 350 0.58 13.69 6.57
N PRO A 351 1.43 12.67 6.45
CA PRO A 351 2.90 12.67 6.65
C PRO A 351 3.83 13.02 5.52
N LYS A 352 3.29 12.78 4.34
CA LYS A 352 4.05 12.88 3.13
C LYS A 352 4.53 14.27 2.78
N GLU A 353 3.81 15.35 3.11
CA GLU A 353 4.24 16.70 2.75
C GLU A 353 4.44 17.40 4.07
N ASP A 354 5.59 17.21 4.71
CA ASP A 354 5.85 17.83 6.01
C ASP A 354 5.89 19.35 6.10
N LYS A 355 5.68 20.11 5.03
CA LYS A 355 5.76 21.57 5.11
C LYS A 355 4.43 22.28 5.46
N VAL A 356 3.41 21.51 5.80
CA VAL A 356 2.14 22.04 6.27
C VAL A 356 1.83 21.26 7.56
N TRP A 357 1.26 21.86 8.62
CA TRP A 357 0.95 21.11 9.84
C TRP A 357 -0.41 20.43 9.89
N TRP A 358 -1.01 20.36 8.71
CA TRP A 358 -2.34 19.79 8.64
C TRP A 358 -2.24 18.58 7.74
N THR A 359 -3.41 17.95 7.64
CA THR A 359 -3.64 16.76 6.85
C THR A 359 -5.09 16.94 6.45
N SER A 360 -5.44 16.87 5.17
CA SER A 360 -6.81 16.93 4.66
C SER A 360 -6.86 16.11 3.36
N ASN A 361 -7.90 16.22 2.52
CA ASN A 361 -8.04 15.43 1.30
C ASN A 361 -9.01 15.96 0.25
N SER A 362 -9.20 15.29 -0.89
CA SER A 362 -10.21 15.59 -1.87
C SER A 362 -10.93 14.25 -2.08
N ILE A 363 -11.86 14.15 -3.02
CA ILE A 363 -12.46 12.88 -3.38
C ILE A 363 -12.61 12.99 -4.89
N VAL A 364 -12.67 11.80 -5.50
CA VAL A 364 -12.96 11.58 -6.91
C VAL A 364 -13.72 10.25 -6.95
N SER A 365 -14.80 10.13 -7.72
CA SER A 365 -15.58 8.91 -7.81
C SER A 365 -15.90 8.63 -9.28
N MET A 366 -16.24 7.38 -9.57
CA MET A 366 -16.30 6.87 -10.92
C MET A 366 -17.35 5.76 -11.03
N CYS A 367 -18.13 5.56 -12.11
CA CYS A 367 -19.08 4.47 -12.19
C CYS A 367 -18.86 3.74 -13.50
N SER A 368 -19.29 2.50 -13.60
CA SER A 368 -19.07 1.72 -14.81
C SER A 368 -19.66 2.26 -16.12
N SER A 369 -19.08 1.78 -17.23
CA SER A 369 -19.52 2.10 -18.58
C SER A 369 -19.50 0.77 -19.35
N THR A 370 -20.34 0.72 -20.37
CA THR A 370 -20.55 -0.38 -21.32
C THR A 370 -19.67 -0.25 -22.58
N GLU A 371 -19.30 1.02 -22.81
CA GLU A 371 -18.45 1.49 -23.89
C GLU A 371 -17.00 1.41 -23.46
N PHE A 372 -16.01 1.45 -24.34
CA PHE A 372 -14.61 1.39 -23.92
C PHE A 372 -14.07 2.81 -23.90
N LEU A 373 -14.50 3.63 -22.92
CA LEU A 373 -14.18 5.04 -22.86
C LEU A 373 -12.70 5.28 -22.65
N GLY A 374 -12.16 6.39 -23.13
CA GLY A 374 -10.77 6.65 -22.96
C GLY A 374 -10.43 7.03 -21.53
N GLN A 375 -9.23 6.72 -21.12
CA GLN A 375 -8.73 6.98 -19.79
C GLN A 375 -8.19 8.40 -19.60
N TRP A 376 -8.20 8.99 -18.38
CA TRP A 376 -7.57 10.29 -18.04
C TRP A 376 -7.01 10.12 -16.61
N ASN A 377 -6.40 11.12 -15.97
CA ASN A 377 -5.92 10.99 -14.60
C ASN A 377 -6.48 12.19 -13.83
N TRP A 378 -6.79 12.01 -12.55
CA TRP A 378 -7.46 13.05 -11.83
C TRP A 378 -6.78 13.46 -10.51
N ASP B 1 14.14 -10.48 9.37
CA ASP B 1 14.74 -10.04 8.13
C ASP B 1 14.05 -11.00 7.16
N ILE B 2 14.49 -11.13 5.94
CA ILE B 2 14.08 -12.22 5.09
C ILE B 2 15.49 -12.78 5.15
N GLN B 3 15.74 -14.00 5.64
CA GLN B 3 17.10 -14.52 5.66
C GLN B 3 17.57 -14.81 4.22
N MET B 4 18.66 -14.16 3.83
CA MET B 4 19.31 -14.42 2.56
C MET B 4 20.56 -15.19 2.93
N THR B 5 20.85 -16.27 2.19
CA THR B 5 21.98 -17.14 2.57
C THR B 5 22.87 -17.49 1.38
N GLN B 6 24.17 -17.60 1.59
CA GLN B 6 25.09 -18.01 0.53
C GLN B 6 26.02 -18.94 1.31
N THR B 7 26.14 -20.20 0.96
CA THR B 7 26.96 -21.08 1.78
C THR B 7 28.43 -20.90 1.47
N THR B 8 29.10 -20.33 2.48
CA THR B 8 30.52 -20.06 2.51
C THR B 8 30.96 -19.06 1.45
N SER B 9 31.93 -18.29 1.90
CA SER B 9 32.51 -17.21 1.16
C SER B 9 33.66 -17.56 0.22
N SER B 10 34.02 -18.80 -0.13
CA SER B 10 35.18 -19.04 -0.98
C SER B 10 34.96 -20.27 -1.84
N LEU B 11 35.51 -20.24 -3.05
CA LEU B 11 35.52 -21.40 -3.95
C LEU B 11 36.82 -21.32 -4.75
N SER B 12 37.30 -22.41 -5.33
CA SER B 12 38.49 -22.35 -6.15
C SER B 12 38.05 -22.63 -7.58
N ALA B 13 38.98 -22.62 -8.53
CA ALA B 13 38.72 -22.98 -9.91
C ALA B 13 40.11 -23.02 -10.56
N SER B 14 40.55 -23.95 -11.42
CA SER B 14 41.89 -23.88 -11.95
C SER B 14 42.04 -23.03 -13.22
N LEU B 15 41.19 -21.99 -13.33
CA LEU B 15 41.15 -21.06 -14.44
C LEU B 15 40.86 -21.74 -15.78
N GLY B 16 39.58 -21.85 -16.10
CA GLY B 16 39.20 -22.44 -17.38
C GLY B 16 37.83 -23.12 -17.39
N ASP B 17 37.53 -23.58 -16.17
CA ASP B 17 36.33 -24.34 -15.88
C ASP B 17 35.11 -23.54 -15.47
N ARG B 18 33.99 -24.25 -15.60
CA ARG B 18 32.65 -23.82 -15.22
C ARG B 18 32.38 -24.02 -13.73
N VAL B 19 31.97 -22.93 -13.10
CA VAL B 19 31.82 -22.87 -11.66
C VAL B 19 30.35 -22.58 -11.27
N THR B 20 29.82 -23.05 -10.13
CA THR B 20 28.45 -22.72 -9.72
C THR B 20 28.33 -22.15 -8.31
N ILE B 21 27.47 -21.15 -8.06
CA ILE B 21 27.25 -20.57 -6.74
C ILE B 21 25.75 -20.54 -6.43
N SER B 22 25.37 -20.77 -5.16
CA SER B 22 23.96 -20.88 -4.80
C SER B 22 23.49 -20.02 -3.61
N CYS B 23 22.39 -19.31 -3.80
CA CYS B 23 21.80 -18.45 -2.80
C CYS B 23 20.54 -19.09 -2.23
N ARG B 24 20.25 -19.03 -0.92
CA ARG B 24 19.02 -19.54 -0.34
C ARG B 24 18.29 -18.40 0.33
N ALA B 25 16.95 -18.40 0.20
CA ALA B 25 16.03 -17.38 0.73
C ALA B 25 15.33 -17.95 1.95
N SER B 26 14.71 -17.22 2.87
CA SER B 26 14.01 -17.95 3.91
C SER B 26 12.55 -18.23 3.55
N GLN B 27 11.98 -17.70 2.47
CA GLN B 27 10.60 -17.97 2.12
C GLN B 27 10.54 -17.92 0.62
N ASP B 28 9.45 -18.42 0.08
CA ASP B 28 9.32 -18.43 -1.35
C ASP B 28 8.99 -17.02 -1.83
N ILE B 29 10.09 -16.58 -2.36
CA ILE B 29 10.30 -15.26 -2.88
C ILE B 29 9.85 -15.16 -4.34
N SER B 30 8.77 -15.87 -4.73
CA SER B 30 8.36 -16.01 -6.13
C SER B 30 9.63 -16.10 -6.98
N ASN B 31 10.20 -15.18 -7.78
CA ASN B 31 11.50 -15.50 -8.39
C ASN B 31 12.27 -14.18 -8.41
N TYR B 32 12.03 -13.31 -7.39
CA TYR B 32 12.70 -12.01 -7.43
C TYR B 32 14.13 -11.99 -6.86
N LEU B 33 15.08 -12.79 -7.45
CA LEU B 33 16.47 -12.71 -7.01
C LEU B 33 17.37 -12.07 -8.06
N ASN B 34 18.48 -11.43 -7.66
CA ASN B 34 19.38 -10.71 -8.56
C ASN B 34 20.83 -11.06 -8.21
N TRP B 35 21.84 -11.02 -9.11
CA TRP B 35 23.23 -11.32 -8.75
C TRP B 35 24.15 -10.12 -9.02
N TYR B 36 25.03 -9.78 -8.05
CA TYR B 36 25.94 -8.61 -7.98
C TYR B 36 27.38 -9.02 -7.87
N GLN B 37 28.31 -8.48 -8.65
CA GLN B 37 29.71 -8.91 -8.54
C GLN B 37 30.45 -7.69 -8.10
N GLN B 38 31.21 -7.83 -7.04
CA GLN B 38 32.03 -6.73 -6.59
C GLN B 38 33.39 -7.05 -7.21
N ASN B 39 33.95 -6.09 -7.93
CA ASN B 39 35.30 -6.16 -8.48
C ASN B 39 36.27 -6.15 -7.29
N PRO B 40 37.48 -6.77 -7.32
CA PRO B 40 38.54 -6.67 -6.34
C PRO B 40 38.67 -5.33 -5.64
N ASP B 41 38.43 -4.22 -6.33
CA ASP B 41 38.37 -2.96 -5.63
C ASP B 41 37.05 -2.27 -5.95
N GLY B 42 36.25 -2.29 -4.90
CA GLY B 42 35.01 -1.53 -4.80
C GLY B 42 33.91 -2.01 -5.72
N THR B 43 33.79 -1.27 -6.81
CA THR B 43 32.85 -1.40 -7.89
C THR B 43 31.94 -2.62 -7.93
N VAL B 44 30.64 -2.46 -7.61
CA VAL B 44 29.70 -3.58 -7.69
C VAL B 44 28.89 -3.44 -8.99
N LYS B 45 28.85 -4.44 -9.86
CA LYS B 45 28.04 -4.40 -11.08
C LYS B 45 26.80 -5.30 -10.97
N LEU B 46 25.81 -5.15 -11.84
CA LEU B 46 24.63 -6.02 -11.80
C LEU B 46 24.79 -7.00 -12.96
N LEU B 47 24.51 -8.27 -12.72
CA LEU B 47 24.60 -9.25 -13.78
C LEU B 47 23.29 -9.85 -14.15
N ILE B 48 22.51 -10.30 -13.17
CA ILE B 48 21.24 -10.97 -13.43
C ILE B 48 20.16 -10.30 -12.57
N TYR B 49 18.96 -10.09 -13.07
CA TYR B 49 17.85 -9.60 -12.28
C TYR B 49 16.75 -10.62 -12.58
N TYR B 50 15.85 -10.83 -11.63
CA TYR B 50 14.73 -11.76 -11.70
C TYR B 50 15.18 -13.13 -12.22
N THR B 51 16.11 -13.63 -11.41
CA THR B 51 16.68 -14.94 -11.52
C THR B 51 17.43 -15.25 -12.81
N SER B 52 16.91 -14.99 -14.00
CA SER B 52 17.61 -15.35 -15.21
C SER B 52 18.13 -14.26 -16.13
N ASN B 53 17.61 -13.04 -16.02
CA ASN B 53 17.88 -11.98 -17.01
C ASN B 53 19.17 -11.19 -16.82
N LEU B 54 19.95 -11.16 -17.86
CA LEU B 54 21.23 -10.51 -17.83
C LEU B 54 21.12 -8.98 -17.93
N HIS B 55 22.07 -8.21 -17.37
CA HIS B 55 21.98 -6.76 -17.46
C HIS B 55 22.43 -6.29 -18.86
N SER B 56 22.66 -4.99 -19.09
CA SER B 56 23.10 -4.47 -20.38
C SER B 56 24.41 -4.97 -20.96
N GLU B 57 25.49 -4.96 -20.18
CA GLU B 57 26.79 -5.37 -20.69
C GLU B 57 27.10 -6.57 -19.82
N VAL B 58 27.01 -7.77 -20.36
CA VAL B 58 27.27 -8.98 -19.62
C VAL B 58 28.04 -9.93 -20.51
N PRO B 59 28.97 -10.73 -19.99
CA PRO B 59 29.51 -11.90 -20.68
C PRO B 59 28.49 -13.01 -20.92
N SER B 60 28.30 -13.38 -22.19
CA SER B 60 27.46 -14.48 -22.70
C SER B 60 27.33 -15.81 -21.91
N ARG B 61 28.36 -16.00 -21.09
CA ARG B 61 28.64 -17.13 -20.24
C ARG B 61 28.03 -17.20 -18.83
N PHE B 62 27.39 -16.13 -18.34
CA PHE B 62 26.83 -16.11 -17.00
C PHE B 62 25.38 -16.58 -16.97
N SER B 63 25.05 -17.59 -16.16
CA SER B 63 23.73 -18.21 -16.16
C SER B 63 23.16 -18.01 -14.78
N GLY B 64 21.84 -18.11 -14.70
CA GLY B 64 21.11 -18.00 -13.47
C GLY B 64 19.81 -18.76 -13.64
N SER B 65 19.44 -19.47 -12.57
CA SER B 65 18.18 -20.21 -12.55
C SER B 65 17.85 -20.60 -11.12
N GLY B 66 16.55 -20.80 -10.84
CA GLY B 66 16.11 -21.29 -9.54
C GLY B 66 14.60 -21.10 -9.41
N SER B 67 14.10 -21.58 -8.29
CA SER B 67 12.68 -21.50 -7.99
C SER B 67 12.53 -21.39 -6.47
N GLY B 68 11.61 -20.60 -5.95
CA GLY B 68 11.22 -20.69 -4.57
C GLY B 68 12.21 -20.23 -3.54
N THR B 69 13.20 -21.07 -3.28
CA THR B 69 14.13 -20.89 -2.16
C THR B 69 15.63 -20.94 -2.50
N ASP B 70 16.01 -21.53 -3.62
CA ASP B 70 17.41 -21.80 -3.85
C ASP B 70 17.62 -21.40 -5.30
N TYR B 71 18.68 -20.61 -5.54
CA TYR B 71 18.94 -19.98 -6.83
C TYR B 71 20.44 -19.92 -7.15
N SER B 72 20.88 -20.53 -8.24
CA SER B 72 22.29 -20.70 -8.58
C SER B 72 22.85 -19.95 -9.80
N LEU B 73 24.06 -19.40 -9.72
CA LEU B 73 24.67 -18.76 -10.87
C LEU B 73 25.72 -19.72 -11.36
N THR B 74 25.82 -19.87 -12.67
CA THR B 74 26.87 -20.67 -13.28
C THR B 74 27.64 -19.76 -14.25
N ILE B 75 28.97 -19.82 -14.12
CA ILE B 75 29.94 -19.05 -14.89
C ILE B 75 30.56 -20.15 -15.73
N SER B 76 30.59 -20.10 -17.06
CA SER B 76 31.16 -21.23 -17.75
C SER B 76 32.63 -21.15 -18.12
N ASN B 77 33.00 -20.21 -19.00
CA ASN B 77 34.38 -20.16 -19.41
C ASN B 77 35.22 -19.16 -18.63
N LEU B 78 35.53 -19.60 -17.39
CA LEU B 78 36.14 -18.78 -16.35
C LEU B 78 37.37 -17.95 -16.74
N GLU B 79 37.10 -16.81 -17.38
CA GLU B 79 38.18 -15.97 -17.84
C GLU B 79 38.81 -15.11 -16.75
N GLN B 80 39.52 -15.70 -15.78
CA GLN B 80 40.27 -15.00 -14.72
C GLN B 80 39.74 -13.69 -14.14
N GLU B 81 39.73 -12.56 -14.84
CA GLU B 81 39.24 -11.29 -14.35
C GLU B 81 37.89 -11.42 -13.63
N ASP B 82 37.03 -12.37 -14.05
CA ASP B 82 35.78 -12.67 -13.36
C ASP B 82 35.97 -13.29 -11.93
N ILE B 83 37.06 -12.98 -11.21
CA ILE B 83 37.35 -13.59 -9.92
C ILE B 83 37.15 -12.48 -8.88
N ALA B 84 36.24 -12.78 -7.96
CA ALA B 84 35.72 -11.76 -7.06
C ALA B 84 34.64 -12.30 -6.08
N THR B 85 33.84 -11.39 -5.50
CA THR B 85 32.83 -11.69 -4.52
C THR B 85 31.47 -11.44 -5.14
N TYR B 86 30.70 -12.50 -5.28
CA TYR B 86 29.37 -12.43 -5.88
C TYR B 86 28.31 -12.34 -4.81
N PHE B 87 27.20 -11.61 -4.99
CA PHE B 87 26.16 -11.44 -3.97
C PHE B 87 24.79 -11.64 -4.55
N CYS B 88 23.88 -12.32 -3.87
CA CYS B 88 22.49 -12.42 -4.29
C CYS B 88 21.73 -11.46 -3.38
N GLN B 89 20.55 -11.08 -3.78
CA GLN B 89 19.72 -10.18 -3.00
C GLN B 89 18.32 -10.36 -3.56
N GLN B 90 17.32 -9.98 -2.79
CA GLN B 90 15.96 -10.10 -3.26
C GLN B 90 15.31 -8.75 -3.20
N ASP B 91 14.19 -8.72 -3.91
CA ASP B 91 13.26 -7.62 -3.85
C ASP B 91 11.85 -8.15 -4.08
N PHE B 92 11.52 -9.19 -3.33
CA PHE B 92 10.18 -9.68 -3.29
C PHE B 92 9.50 -8.66 -2.40
N THR B 93 10.07 -8.29 -1.26
CA THR B 93 9.43 -7.32 -0.38
C THR B 93 10.56 -6.50 0.23
N LEU B 94 10.31 -5.27 0.69
CA LEU B 94 11.41 -4.51 1.29
C LEU B 94 11.22 -4.58 2.79
N PRO B 95 12.28 -4.60 3.64
CA PRO B 95 13.68 -4.37 3.29
C PRO B 95 14.34 -5.34 2.33
N PHE B 96 15.23 -4.83 1.49
CA PHE B 96 16.00 -5.68 0.61
C PHE B 96 17.06 -6.32 1.46
N THR B 97 17.32 -7.61 1.27
CA THR B 97 18.34 -8.26 2.06
C THR B 97 19.42 -8.81 1.12
N PHE B 98 20.72 -8.68 1.38
CA PHE B 98 21.74 -9.28 0.52
C PHE B 98 22.35 -10.51 1.18
N GLY B 99 22.99 -11.38 0.42
CA GLY B 99 23.69 -12.50 1.00
C GLY B 99 24.96 -11.95 1.65
N GLY B 100 25.73 -12.95 2.07
CA GLY B 100 27.01 -12.69 2.68
C GLY B 100 28.08 -12.52 1.61
N GLY B 101 28.02 -13.23 0.49
CA GLY B 101 29.00 -13.08 -0.55
C GLY B 101 29.92 -14.26 -0.53
N THR B 102 30.49 -14.51 -1.71
CA THR B 102 31.45 -15.58 -1.95
C THR B 102 32.57 -15.06 -2.88
N LYS B 103 33.79 -15.01 -2.36
CA LYS B 103 34.97 -14.64 -3.11
C LYS B 103 35.40 -15.93 -3.80
N LEU B 104 35.96 -15.77 -5.01
CA LEU B 104 36.42 -16.90 -5.78
C LEU B 104 37.95 -16.83 -5.77
N GLU B 105 38.63 -17.96 -5.63
CA GLU B 105 40.08 -17.98 -5.66
C GLU B 105 40.47 -18.94 -6.79
N ILE B 106 41.69 -18.77 -7.30
CA ILE B 106 42.18 -19.53 -8.41
C ILE B 106 43.44 -20.25 -7.98
N ARG B 107 43.67 -21.32 -8.71
CA ARG B 107 44.75 -22.23 -8.39
C ARG B 107 45.44 -22.79 -9.66
N ARG B 108 46.66 -22.32 -10.02
CA ARG B 108 47.32 -22.72 -11.26
C ARG B 108 48.82 -22.58 -11.19
N ALA B 109 49.31 -21.39 -10.88
CA ALA B 109 50.75 -21.28 -10.88
C ALA B 109 51.19 -21.39 -9.40
N GLU C 1 24.29 6.80 -19.60
CA GLU C 1 25.63 7.23 -19.21
C GLU C 1 25.46 7.57 -17.75
N VAL C 2 25.12 6.52 -17.02
CA VAL C 2 24.58 6.72 -15.70
C VAL C 2 25.73 6.98 -14.73
N GLN C 3 26.09 8.22 -14.40
CA GLN C 3 27.17 8.37 -13.45
C GLN C 3 26.67 8.75 -12.06
N LEU C 4 26.85 7.91 -11.05
CA LEU C 4 26.55 8.31 -9.68
C LEU C 4 27.95 8.51 -9.13
N GLN C 5 28.33 9.79 -9.17
CA GLN C 5 29.65 10.26 -8.76
C GLN C 5 29.59 10.42 -7.22
N GLN C 6 30.50 9.85 -6.40
CA GLN C 6 30.43 9.99 -4.96
C GLN C 6 31.89 10.18 -4.49
N PRO C 7 32.28 11.12 -3.58
CA PRO C 7 33.65 11.35 -3.10
C PRO C 7 34.26 10.09 -2.53
N GLY C 8 35.58 9.92 -2.49
CA GLY C 8 36.18 8.73 -1.90
C GLY C 8 36.08 8.72 -0.36
N ALA C 9 36.08 9.86 0.34
CA ALA C 9 36.00 9.81 1.78
C ALA C 9 35.46 11.07 2.46
N GLU C 10 35.14 10.80 3.72
CA GLU C 10 34.78 11.83 4.65
C GLU C 10 35.48 11.40 5.91
N LEU C 11 36.16 12.35 6.58
CA LEU C 11 36.86 12.07 7.81
C LEU C 11 36.17 12.90 8.87
N VAL C 12 35.68 12.15 9.85
CA VAL C 12 34.79 12.74 10.82
C VAL C 12 35.21 12.51 12.26
N LYS C 13 34.46 13.12 13.19
CA LYS C 13 34.73 13.12 14.63
C LYS C 13 33.56 12.49 15.34
N PRO C 14 33.69 11.77 16.46
CA PRO C 14 32.60 11.10 17.17
C PRO C 14 31.50 12.01 17.70
N GLY C 15 30.32 11.58 17.30
CA GLY C 15 29.07 12.20 17.64
C GLY C 15 28.56 13.23 16.65
N ALA C 16 29.37 13.73 15.72
CA ALA C 16 28.92 14.84 14.88
C ALA C 16 27.88 14.55 13.80
N SER C 17 27.93 15.08 12.57
CA SER C 17 26.95 14.78 11.57
C SER C 17 27.61 14.99 10.25
N VAL C 18 27.65 13.98 9.40
CA VAL C 18 28.19 14.25 8.09
C VAL C 18 27.06 14.19 7.05
N ARG C 19 27.37 14.71 5.86
CA ARG C 19 26.41 14.77 4.78
C ARG C 19 27.01 14.45 3.41
N MET C 20 26.51 13.28 3.06
CA MET C 20 26.77 12.56 1.84
C MET C 20 26.13 13.19 0.61
N SER C 21 26.72 12.84 -0.54
CA SER C 21 26.30 13.34 -1.82
C SER C 21 26.55 12.20 -2.78
N CYS C 22 25.68 12.17 -3.79
CA CYS C 22 25.72 11.19 -4.86
C CYS C 22 25.21 11.94 -6.09
N LYS C 23 26.11 12.38 -6.97
CA LYS C 23 25.74 13.17 -8.12
C LYS C 23 25.41 12.29 -9.30
N ALA C 24 24.09 12.22 -9.53
CA ALA C 24 23.46 11.47 -10.60
C ALA C 24 23.66 12.17 -11.94
N SER C 25 24.19 11.37 -12.85
CA SER C 25 24.49 11.85 -14.17
C SER C 25 23.91 10.92 -15.24
N GLY C 26 23.74 11.57 -16.39
CA GLY C 26 23.33 10.97 -17.62
C GLY C 26 22.07 10.12 -17.64
N TYR C 27 20.98 10.59 -16.98
CA TYR C 27 19.65 9.98 -17.04
C TYR C 27 18.65 10.97 -16.44
N THR C 28 17.36 10.61 -16.38
CA THR C 28 16.28 11.44 -15.85
C THR C 28 16.04 11.27 -14.33
N PHE C 29 16.69 12.19 -13.60
CA PHE C 29 16.74 12.16 -12.14
C PHE C 29 15.41 12.11 -11.41
N THR C 30 14.43 12.79 -11.99
CA THR C 30 13.10 12.93 -11.44
C THR C 30 12.32 11.64 -11.61
N ASN C 31 12.88 10.71 -12.35
CA ASN C 31 12.16 9.53 -12.77
C ASN C 31 12.52 8.19 -12.14
N TYR C 32 13.47 8.10 -11.21
CA TYR C 32 13.95 6.80 -10.71
C TYR C 32 14.16 6.88 -9.22
N ASN C 33 13.88 5.84 -8.43
CA ASN C 33 14.14 5.93 -7.00
C ASN C 33 15.66 5.83 -6.76
N MET C 34 16.24 6.64 -5.87
CA MET C 34 17.63 6.49 -5.48
C MET C 34 17.60 5.70 -4.18
N TYR C 35 18.57 4.83 -4.03
CA TYR C 35 18.68 3.87 -2.95
C TYR C 35 20.03 4.07 -2.26
N TRP C 36 20.07 4.06 -0.92
CA TRP C 36 21.29 4.22 -0.13
C TRP C 36 21.63 2.93 0.57
N VAL C 37 22.85 2.42 0.45
CA VAL C 37 23.21 1.13 1.02
C VAL C 37 24.61 1.15 1.66
N LYS C 38 24.71 0.53 2.84
CA LYS C 38 25.90 0.43 3.68
C LYS C 38 26.71 -0.88 3.60
N GLN C 39 28.06 -0.81 3.63
CA GLN C 39 28.93 -2.00 3.62
C GLN C 39 30.00 -1.82 4.70
N SER C 40 29.73 -2.39 5.87
CA SER C 40 30.59 -2.20 7.04
C SER C 40 31.80 -3.13 6.98
N PRO C 41 33.03 -2.90 7.47
CA PRO C 41 34.24 -3.60 7.05
C PRO C 41 34.26 -5.13 6.88
N GLY C 42 33.49 -5.93 7.61
CA GLY C 42 33.55 -7.36 7.45
C GLY C 42 32.17 -7.96 7.56
N GLN C 43 31.24 -7.41 6.79
CA GLN C 43 29.85 -7.83 6.74
C GLN C 43 29.33 -7.63 5.32
N GLY C 44 28.25 -8.33 5.01
CA GLY C 44 27.51 -8.14 3.77
C GLY C 44 26.74 -6.81 3.81
N LEU C 45 26.09 -6.55 2.67
CA LEU C 45 25.50 -5.25 2.34
C LEU C 45 24.15 -4.97 2.97
N GLU C 46 24.05 -3.86 3.69
CA GLU C 46 22.80 -3.40 4.28
C GLU C 46 22.14 -2.20 3.60
N TRP C 47 20.94 -2.35 3.03
CA TRP C 47 20.27 -1.23 2.40
C TRP C 47 19.71 -0.34 3.50
N ILE C 48 19.86 0.98 3.41
CA ILE C 48 19.32 1.93 4.38
C ILE C 48 17.91 2.43 3.98
N GLY C 49 17.72 3.07 2.83
CA GLY C 49 16.42 3.57 2.46
C GLY C 49 16.28 3.87 0.97
N ILE C 50 15.13 4.43 0.61
CA ILE C 50 14.83 4.88 -0.75
C ILE C 50 14.35 6.34 -0.71
N PHE C 51 14.61 7.01 -1.85
CA PHE C 51 14.17 8.36 -2.13
C PHE C 51 13.64 8.52 -3.54
N TYR C 52 12.33 8.67 -3.82
CA TYR C 52 11.88 8.94 -5.19
C TYR C 52 11.84 10.44 -5.57
N PRO C 53 12.80 10.97 -6.35
CA PRO C 53 13.02 12.42 -6.53
C PRO C 53 11.94 13.24 -7.20
N GLY C 54 10.95 12.66 -7.88
CA GLY C 54 9.94 13.47 -8.59
C GLY C 54 8.58 13.56 -7.94
N ASN C 55 8.59 13.21 -6.66
CA ASN C 55 7.39 13.13 -5.86
C ASN C 55 7.83 13.31 -4.41
N GLY C 56 9.05 12.90 -4.03
CA GLY C 56 9.59 13.22 -2.70
C GLY C 56 9.40 12.15 -1.63
N ASP C 57 8.82 11.00 -1.95
CA ASP C 57 8.66 9.92 -1.01
C ASP C 57 10.05 9.39 -0.63
N THR C 58 10.10 8.91 0.61
CA THR C 58 11.26 8.36 1.30
C THR C 58 10.86 7.09 2.10
N SER C 59 11.67 6.03 2.26
CA SER C 59 11.33 4.89 3.14
C SER C 59 12.64 4.38 3.77
N TYR C 60 12.67 4.07 5.07
CA TYR C 60 13.89 3.73 5.81
C TYR C 60 13.89 2.33 6.36
N ASN C 61 15.08 1.76 6.55
CA ASN C 61 15.22 0.42 7.09
C ASN C 61 14.90 0.48 8.59
N GLN C 62 14.43 -0.56 9.27
CA GLN C 62 14.01 -0.51 10.68
C GLN C 62 14.95 0.23 11.63
N LYS C 63 16.18 -0.26 11.79
CA LYS C 63 17.17 0.39 12.64
C LYS C 63 17.67 1.76 12.15
N PHE C 64 17.87 1.89 10.84
CA PHE C 64 18.38 3.11 10.23
C PHE C 64 17.55 4.34 10.33
N LYS C 65 16.24 4.15 10.48
CA LYS C 65 15.28 5.21 10.58
C LYS C 65 15.74 6.28 11.55
N ASP C 66 16.49 5.94 12.60
CA ASP C 66 17.00 6.98 13.48
C ASP C 66 18.21 7.75 12.99
N LYS C 67 19.16 7.06 12.37
CA LYS C 67 20.44 7.67 12.00
C LYS C 67 20.52 8.40 10.65
N ALA C 68 19.65 8.05 9.68
CA ALA C 68 19.75 8.61 8.35
C ALA C 68 18.52 9.38 7.92
N THR C 69 18.64 10.59 7.39
CA THR C 69 17.51 11.24 6.73
C THR C 69 17.99 11.41 5.27
N LEU C 70 17.10 11.22 4.28
CA LEU C 70 17.49 11.25 2.87
C LEU C 70 16.89 12.54 2.38
N THR C 71 17.58 13.17 1.46
CA THR C 71 17.37 14.52 0.96
C THR C 71 17.70 14.48 -0.55
N ALA C 72 17.39 15.53 -1.35
CA ALA C 72 18.00 15.68 -2.68
C ALA C 72 17.84 17.10 -3.20
N ASP C 73 18.79 17.63 -3.96
CA ASP C 73 18.71 18.96 -4.54
C ASP C 73 18.60 18.73 -6.03
N LYS C 74 17.33 18.58 -6.41
CA LYS C 74 16.96 18.38 -7.79
C LYS C 74 17.67 19.28 -8.84
N SER C 75 17.97 20.56 -8.63
CA SER C 75 18.69 21.36 -9.63
C SER C 75 20.10 20.81 -9.86
N SER C 76 20.74 20.22 -8.87
CA SER C 76 22.06 19.71 -9.05
C SER C 76 22.09 18.19 -9.12
N ASN C 77 20.89 17.61 -9.26
CA ASN C 77 20.66 16.15 -9.34
C ASN C 77 21.52 15.35 -8.36
N THR C 78 21.50 15.90 -7.16
CA THR C 78 22.28 15.36 -6.10
C THR C 78 21.27 14.72 -5.18
N ALA C 79 21.54 13.46 -4.90
CA ALA C 79 20.82 12.80 -3.82
C ALA C 79 21.72 13.14 -2.61
N TYR C 80 21.25 13.12 -1.38
CA TYR C 80 22.11 13.33 -0.23
C TYR C 80 21.58 12.51 0.92
N MET C 81 22.33 12.45 2.02
CA MET C 81 21.94 11.71 3.21
C MET C 81 22.64 12.18 4.48
N GLN C 82 21.89 12.54 5.53
CA GLN C 82 22.52 13.03 6.74
C GLN C 82 22.38 11.97 7.80
N LEU C 83 23.57 11.58 8.24
CA LEU C 83 23.70 10.63 9.32
C LEU C 83 24.24 11.54 10.38
N SER C 84 23.58 11.48 11.53
CA SER C 84 23.99 12.26 12.68
C SER C 84 24.43 11.33 13.82
N SER C 85 25.36 11.79 14.66
CA SER C 85 25.91 11.06 15.80
C SER C 85 26.69 9.78 15.51
N LEU C 86 27.65 10.02 14.61
CA LEU C 86 28.53 8.97 14.08
C LEU C 86 29.45 8.45 15.16
N THR C 87 29.99 7.24 15.11
CA THR C 87 30.91 6.71 16.12
C THR C 87 31.63 5.55 15.46
N SER C 88 32.56 4.95 16.20
CA SER C 88 33.31 3.77 15.76
C SER C 88 32.45 2.74 15.01
N GLU C 89 31.36 2.29 15.65
CA GLU C 89 30.47 1.27 15.13
C GLU C 89 29.92 1.64 13.75
N ASP C 90 29.94 2.91 13.32
CA ASP C 90 29.58 3.19 11.96
C ASP C 90 30.70 3.87 11.18
N SER C 91 31.85 3.21 11.18
CA SER C 91 32.93 3.57 10.25
C SER C 91 32.73 2.48 9.15
N ALA C 92 32.29 2.89 7.95
CA ALA C 92 31.96 1.93 6.90
C ALA C 92 32.04 2.62 5.56
N VAL C 93 31.49 1.99 4.52
CA VAL C 93 31.41 2.59 3.20
C VAL C 93 29.94 2.65 2.80
N TYR C 94 29.54 3.75 2.13
CA TYR C 94 28.14 3.98 1.81
C TYR C 94 28.08 4.19 0.32
N TYR C 95 26.97 3.73 -0.27
CA TYR C 95 26.71 3.77 -1.70
C TYR C 95 25.32 4.30 -1.92
N CYS C 96 25.19 4.89 -3.09
CA CYS C 96 23.88 5.17 -3.65
C CYS C 96 23.82 4.26 -4.88
N ALA C 97 22.60 3.93 -5.25
CA ALA C 97 22.32 3.05 -6.36
C ALA C 97 20.93 3.43 -6.84
N ARG C 98 20.49 3.03 -8.03
CA ARG C 98 19.14 3.33 -8.53
C ARG C 98 18.53 2.03 -9.00
N SER C 99 17.23 1.83 -8.94
CA SER C 99 16.68 0.58 -9.43
C SER C 99 16.42 0.68 -10.91
N GLY C 100 16.37 -0.45 -11.60
CA GLY C 100 15.97 -0.44 -12.98
C GLY C 100 14.50 0.03 -13.08
N GLY C 101 13.76 0.10 -11.98
CA GLY C 101 12.35 0.26 -12.12
C GLY C 101 11.82 1.66 -12.24
N SER C 102 12.46 2.82 -12.34
CA SER C 102 11.71 4.07 -12.45
C SER C 102 10.51 4.38 -11.50
N TYR C 103 10.47 3.87 -10.27
CA TYR C 103 9.46 4.11 -9.23
C TYR C 103 9.13 2.77 -8.59
N ARG C 104 9.40 1.70 -9.35
CA ARG C 104 9.13 0.35 -8.90
C ARG C 104 10.28 -0.03 -8.00
N TYR C 105 10.01 -0.80 -6.95
CA TYR C 105 11.08 -1.25 -6.09
C TYR C 105 11.26 -2.68 -6.62
N ASP C 106 11.87 -2.75 -7.80
CA ASP C 106 11.79 -3.96 -8.62
C ASP C 106 12.73 -3.77 -9.80
N GLY C 107 13.26 -4.92 -10.16
CA GLY C 107 14.21 -4.98 -11.24
C GLY C 107 15.65 -4.71 -10.81
N GLY C 108 15.90 -4.59 -9.49
CA GLY C 108 17.27 -4.46 -8.96
C GLY C 108 18.02 -3.13 -9.18
N PHE C 109 19.02 -2.90 -8.32
CA PHE C 109 19.79 -1.65 -8.31
C PHE C 109 20.74 -1.87 -9.47
N ASP C 110 20.52 -1.14 -10.56
CA ASP C 110 21.21 -1.38 -11.80
C ASP C 110 22.51 -0.66 -12.08
N TYR C 111 22.71 0.51 -11.50
CA TYR C 111 23.94 1.25 -11.66
C TYR C 111 24.24 1.69 -10.24
N TRP C 112 25.50 1.64 -9.84
CA TRP C 112 25.85 1.83 -8.44
C TRP C 112 26.82 2.98 -8.33
N GLY C 113 26.94 3.65 -7.19
CA GLY C 113 27.85 4.77 -7.08
C GLY C 113 29.28 4.31 -6.79
N GLN C 114 30.22 5.22 -6.64
CA GLN C 114 31.59 4.84 -6.28
C GLN C 114 31.76 4.13 -4.92
N GLY C 115 31.08 4.65 -3.88
CA GLY C 115 31.29 4.15 -2.53
C GLY C 115 32.20 5.15 -1.84
N THR C 116 31.73 5.76 -0.77
CA THR C 116 32.48 6.77 -0.03
C THR C 116 32.76 6.20 1.36
N THR C 117 34.00 6.31 1.77
CA THR C 117 34.43 5.81 3.05
C THR C 117 34.28 6.79 4.19
N LEU C 118 33.58 6.25 5.17
CA LEU C 118 33.34 6.97 6.40
C LEU C 118 34.32 6.58 7.52
N THR C 119 35.19 7.53 7.90
CA THR C 119 36.11 7.24 8.98
C THR C 119 35.92 8.27 10.04
N VAL C 120 35.58 7.75 11.21
CA VAL C 120 35.44 8.57 12.39
C VAL C 120 36.76 8.39 13.12
N SER C 121 37.22 9.50 13.67
CA SER C 121 38.50 9.61 14.33
C SER C 121 38.42 10.75 15.33
N SER C 122 39.44 10.66 16.16
CA SER C 122 39.71 11.65 17.16
C SER C 122 41.11 12.05 16.67
#